data_5LW7
#
_entry.id   5LW7
#
loop_
_entity.id
_entity.type
_entity.pdbx_description
1 polymer 'ABC transporter ATP-binding protein'
2 non-polymer 'IRON/SULFUR CLUSTER'
#
_entity_poly.entity_id   1
_entity_poly.type   'polypeptide(L)'
_entity_poly.pdbx_seq_one_letter_code
;MVRKMRIAVIDYDKCNPDKCGHFLCERVCPVNRMGGEAIIIDEENYKPIIQEASCTGCGICVHKCPFNAISIVNLPEQLD
EDCVHRYGVNAFVLYRLPIVKDGMVVGIVGPNGTGKTTAVKILAGQLIPNLCEDNDSWDNVIRAFRGNELQNYFERLKNG
EIRPVVKPQYVDLLPKAVKGKVRELLKKVDEVGKFEEVVKELELENVLDRELHQLSGGELQRVAIAAALLRKAHFYFFDE
PSSYLDIRQRLKVARVIRRLANEGKAVLVVEHDLAVLDYLSDVIHVVYGEPGVYGIFSKPKGTRNGINEFLQGYLKDENV
RFRPYEIRFTKLSERVDVERETLVEYPRLVKDYGSFKLEVEPGEIRKGEVIGIVGPNGIGKTTFVKMLAGVEEPTEGKVE
WDLTVAYKPQYIKAEYEGTVYELLSKIDSSKLNSNFYKTELLKPLGIIDLYDRNVEDLSGGELQRVAIAATLLRDADIYL
LDEPSAYLDVEQRLAVSRAIRHLMEKNEKTALVVEHDVLMIDYVSDRLIVFEGEPGRHGRALPPMGMREGMNRFLASVGI
TFRRDPDSGRPRANKEGSVKDREQKARGEYYYA
;
_entity_poly.pdbx_strand_id   B
#
loop_
_chem_comp.id
_chem_comp.type
_chem_comp.name
_chem_comp.formula
SF4 non-polymer 'IRON/SULFUR CLUSTER' 'Fe4 S4'
#
# COMPACT_ATOMS: atom_id res chain seq x y z
N MET A 1 -1.06 18.24 -31.98
CA MET A 1 -1.75 17.17 -31.20
C MET A 1 -3.11 17.61 -30.65
N VAL A 2 -3.93 16.62 -30.32
CA VAL A 2 -5.27 16.86 -29.79
C VAL A 2 -5.73 15.62 -29.01
N ARG A 3 -6.92 15.71 -28.43
CA ARG A 3 -7.48 14.61 -27.63
C ARG A 3 -8.44 15.33 -26.70
N LYS A 4 -9.64 14.80 -26.50
CA LYS A 4 -10.56 15.51 -25.64
C LYS A 4 -11.82 14.78 -25.26
N MET A 5 -12.21 14.77 -23.97
CA MET A 5 -13.44 14.12 -23.48
C MET A 5 -14.30 15.23 -22.99
N ARG A 6 -15.57 15.03 -23.01
CA ARG A 6 -16.51 15.99 -22.51
C ARG A 6 -16.98 15.40 -21.19
N ILE A 7 -17.20 16.26 -20.19
CA ILE A 7 -17.65 15.79 -18.89
C ILE A 7 -18.78 16.69 -18.45
N ALA A 8 -19.92 16.08 -18.17
CA ALA A 8 -21.08 16.83 -17.75
C ALA A 8 -21.51 16.51 -16.32
N VAL A 9 -21.67 17.56 -15.53
CA VAL A 9 -22.15 17.39 -14.18
C VAL A 9 -23.32 18.34 -14.05
N ILE A 10 -24.41 17.85 -13.47
CA ILE A 10 -25.61 18.65 -13.26
C ILE A 10 -25.89 18.67 -11.76
N ASP A 11 -25.80 19.83 -11.12
CA ASP A 11 -26.13 19.85 -9.70
C ASP A 11 -27.64 19.77 -9.63
N TYR A 12 -28.15 18.54 -9.50
CA TYR A 12 -29.58 18.32 -9.45
C TYR A 12 -30.27 19.07 -8.32
N ASP A 13 -29.58 19.24 -7.20
CA ASP A 13 -30.15 19.96 -6.07
C ASP A 13 -30.57 21.37 -6.49
N LYS A 14 -30.22 21.74 -7.73
CA LYS A 14 -30.54 23.07 -8.26
C LYS A 14 -31.49 23.03 -9.47
N CYS A 15 -31.72 21.84 -10.00
CA CYS A 15 -32.60 21.67 -11.16
C CYS A 15 -34.06 21.55 -10.77
N ASN A 16 -34.93 22.11 -11.60
CA ASN A 16 -36.36 22.03 -11.36
C ASN A 16 -37.06 22.17 -12.72
N PRO A 17 -37.23 21.03 -13.43
CA PRO A 17 -37.87 20.94 -14.75
C PRO A 17 -39.17 21.71 -14.96
N ASP A 18 -39.97 21.83 -13.90
CA ASP A 18 -41.26 22.52 -13.99
C ASP A 18 -41.16 24.04 -14.04
N LYS A 19 -40.04 24.56 -13.55
CA LYS A 19 -39.86 26.01 -13.53
C LYS A 19 -39.28 26.58 -14.83
N CYS A 20 -38.45 25.79 -15.51
CA CYS A 20 -37.81 26.23 -16.75
C CYS A 20 -38.59 25.82 -18.00
N GLY A 21 -39.87 25.50 -17.82
CA GLY A 21 -40.66 25.05 -18.94
C GLY A 21 -40.65 23.54 -18.83
N HIS A 22 -40.35 22.86 -19.93
CA HIS A 22 -40.29 21.39 -19.87
C HIS A 22 -38.87 21.04 -20.26
N PHE A 23 -38.01 20.87 -19.24
CA PHE A 23 -36.62 20.55 -19.45
C PHE A 23 -36.08 21.42 -20.56
N LEU A 24 -35.82 22.67 -20.24
CA LEU A 24 -35.30 23.64 -21.20
C LEU A 24 -34.14 23.04 -22.01
N CYS A 25 -33.48 22.06 -21.42
CA CYS A 25 -32.35 21.36 -22.04
C CYS A 25 -32.60 20.75 -23.40
N GLU A 26 -33.29 19.60 -23.39
CA GLU A 26 -33.60 18.86 -24.61
C GLU A 26 -34.17 19.76 -25.70
N ARG A 27 -34.81 20.84 -25.26
CA ARG A 27 -35.42 21.81 -26.15
C ARG A 27 -34.35 22.68 -26.82
N VAL A 28 -33.58 23.37 -25.99
CA VAL A 28 -32.52 24.25 -26.48
C VAL A 28 -31.31 23.50 -27.06
N CYS A 29 -31.17 22.22 -26.70
CA CYS A 29 -30.05 21.39 -27.15
C CYS A 29 -29.96 21.14 -28.67
N PRO A 30 -28.92 21.71 -29.32
CA PRO A 30 -28.72 21.55 -30.76
C PRO A 30 -28.71 20.10 -31.25
N VAL A 31 -27.98 19.25 -30.57
CA VAL A 31 -27.89 17.83 -30.93
C VAL A 31 -29.28 17.16 -30.91
N ASN A 32 -30.07 17.46 -29.89
CA ASN A 32 -31.42 16.90 -29.80
C ASN A 32 -32.26 17.53 -30.90
N ARG A 33 -32.04 18.79 -31.25
CA ARG A 33 -32.71 19.41 -32.29
C ARG A 33 -32.58 18.55 -33.56
N MET A 34 -31.38 18.06 -33.84
CA MET A 34 -31.18 17.32 -35.08
C MET A 34 -31.30 15.83 -34.85
N GLY A 35 -32.31 15.44 -34.07
CA GLY A 35 -32.55 14.05 -33.77
C GLY A 35 -31.42 13.29 -33.10
N GLY A 36 -30.87 13.85 -32.02
CA GLY A 36 -29.80 13.19 -31.31
C GLY A 36 -30.12 13.01 -29.84
N GLU A 37 -29.28 12.27 -29.14
CA GLU A 37 -29.50 12.01 -27.71
C GLU A 37 -28.42 12.58 -26.78
N ALA A 38 -28.15 13.87 -26.88
CA ALA A 38 -27.14 14.50 -26.02
C ALA A 38 -27.74 14.59 -24.62
N ILE A 39 -28.96 15.11 -24.55
CA ILE A 39 -29.67 15.25 -23.28
C ILE A 39 -30.92 14.38 -23.28
N ILE A 40 -30.96 13.43 -22.36
CA ILE A 40 -32.08 12.51 -22.21
C ILE A 40 -32.87 12.78 -20.92
N ILE A 41 -34.18 12.54 -20.98
CA ILE A 41 -35.04 12.75 -19.83
C ILE A 41 -35.29 11.48 -19.02
N ASP A 42 -35.05 11.57 -17.72
CA ASP A 42 -35.32 10.47 -16.81
C ASP A 42 -36.73 10.73 -16.33
N GLU A 43 -37.70 10.28 -17.11
CA GLU A 43 -39.10 10.45 -16.78
C GLU A 43 -39.51 9.44 -15.72
N GLU A 44 -39.02 9.65 -14.50
CA GLU A 44 -39.32 8.78 -13.37
C GLU A 44 -38.79 9.53 -12.18
N ASN A 45 -37.46 9.65 -12.13
CA ASN A 45 -36.84 10.39 -11.05
C ASN A 45 -36.95 11.87 -11.42
N TYR A 46 -37.51 12.12 -12.61
CA TYR A 46 -37.74 13.46 -13.13
C TYR A 46 -36.50 14.37 -13.07
N LYS A 47 -35.48 13.98 -13.83
CA LYS A 47 -34.21 14.71 -13.90
C LYS A 47 -33.77 14.63 -15.35
N PRO A 48 -32.82 15.47 -15.75
CA PRO A 48 -32.35 15.42 -17.12
C PRO A 48 -31.01 14.69 -17.06
N ILE A 49 -30.60 14.06 -18.14
CA ILE A 49 -29.31 13.38 -18.12
C ILE A 49 -28.55 13.67 -19.40
N ILE A 50 -27.28 14.02 -19.26
CA ILE A 50 -26.49 14.32 -20.45
C ILE A 50 -25.61 13.12 -20.80
N GLN A 51 -25.82 12.58 -21.99
CA GLN A 51 -25.03 11.46 -22.45
C GLN A 51 -23.77 12.02 -23.10
N GLU A 52 -22.75 12.20 -22.26
CA GLU A 52 -21.47 12.74 -22.67
C GLU A 52 -20.93 12.12 -23.96
N ALA A 53 -21.46 10.96 -24.34
CA ALA A 53 -21.04 10.30 -25.56
C ALA A 53 -21.48 11.11 -26.77
N SER A 54 -22.41 12.03 -26.55
CA SER A 54 -22.90 12.89 -27.62
C SER A 54 -22.40 14.31 -27.35
N CYS A 55 -23.14 15.06 -26.54
CA CYS A 55 -22.79 16.43 -26.19
C CYS A 55 -21.54 16.94 -26.91
N THR A 56 -21.72 17.91 -27.79
CA THR A 56 -20.61 18.50 -28.52
C THR A 56 -19.81 19.43 -27.63
N GLY A 57 -20.39 19.78 -26.48
CA GLY A 57 -19.74 20.68 -25.56
C GLY A 57 -19.92 22.11 -26.01
N CYS A 58 -20.91 22.32 -26.87
CA CYS A 58 -21.21 23.65 -27.41
C CYS A 58 -21.58 24.60 -26.28
N GLY A 59 -22.07 24.03 -25.18
CA GLY A 59 -22.44 24.83 -24.03
C GLY A 59 -23.70 25.70 -24.10
N ILE A 60 -24.59 25.41 -25.04
CA ILE A 60 -25.82 26.20 -25.12
C ILE A 60 -26.68 25.94 -23.89
N CYS A 61 -26.89 24.66 -23.58
CA CYS A 61 -27.71 24.26 -22.44
C CYS A 61 -27.23 24.92 -21.15
N VAL A 62 -25.93 25.09 -21.02
CA VAL A 62 -25.31 25.69 -19.83
C VAL A 62 -25.71 27.16 -19.66
N HIS A 63 -25.67 27.89 -20.75
CA HIS A 63 -26.02 29.31 -20.74
C HIS A 63 -27.49 29.51 -20.48
N LYS A 64 -28.31 28.61 -21.02
CA LYS A 64 -29.74 28.70 -20.87
C LYS A 64 -30.29 28.38 -19.47
N CYS A 65 -29.82 27.30 -18.85
CA CYS A 65 -30.32 26.91 -17.53
C CYS A 65 -30.64 28.12 -16.64
N PRO A 66 -31.94 28.38 -16.41
CA PRO A 66 -32.40 29.50 -15.59
C PRO A 66 -31.70 29.63 -14.24
N PHE A 67 -31.05 28.57 -13.78
CA PHE A 67 -30.31 28.65 -12.53
C PHE A 67 -28.85 28.52 -12.90
N ASN A 68 -28.32 27.31 -12.84
CA ASN A 68 -26.95 27.06 -13.21
C ASN A 68 -26.68 25.69 -12.67
N ALA A 69 -27.57 24.76 -13.03
CA ALA A 69 -27.48 23.39 -12.59
C ALA A 69 -26.70 22.55 -13.61
N ILE A 70 -26.03 23.24 -14.54
CA ILE A 70 -25.26 22.54 -15.57
C ILE A 70 -23.84 23.07 -15.78
N SER A 71 -22.92 22.13 -15.92
CA SER A 71 -21.51 22.42 -16.16
C SER A 71 -21.08 21.42 -17.21
N ILE A 72 -20.40 21.89 -18.25
CA ILE A 72 -19.90 21.05 -19.33
C ILE A 72 -18.44 21.46 -19.52
N VAL A 73 -17.51 20.54 -19.33
CA VAL A 73 -16.10 20.86 -19.51
C VAL A 73 -15.46 19.96 -20.55
N ASN A 74 -14.51 20.50 -21.30
CA ASN A 74 -13.80 19.73 -22.32
C ASN A 74 -12.40 19.46 -21.79
N LEU A 75 -12.13 18.21 -21.47
CA LEU A 75 -10.82 17.81 -20.95
C LEU A 75 -9.77 17.85 -22.05
N PRO A 76 -9.81 18.90 -22.86
CA PRO A 76 -8.85 19.07 -23.95
C PRO A 76 -7.60 19.81 -23.49
N GLU A 77 -6.44 19.40 -24.01
CA GLU A 77 -5.16 20.02 -23.66
C GLU A 77 -4.97 20.14 -22.15
N GLN A 78 -5.20 19.04 -21.44
CA GLN A 78 -5.05 19.03 -19.98
C GLN A 78 -4.89 17.61 -19.47
N LEU A 79 -5.56 16.66 -20.12
CA LEU A 79 -5.49 15.26 -19.73
C LEU A 79 -4.80 14.42 -20.80
N ASP A 80 -4.97 14.81 -22.06
CA ASP A 80 -4.37 14.11 -23.18
C ASP A 80 -3.08 14.79 -23.62
N GLU A 81 -3.06 16.12 -23.54
CA GLU A 81 -1.88 16.89 -23.94
C GLU A 81 -0.83 16.90 -22.83
N ASP A 82 -1.28 16.75 -21.59
CA ASP A 82 -0.37 16.75 -20.44
C ASP A 82 0.72 15.70 -20.62
N CYS A 83 0.38 14.60 -21.28
CA CYS A 83 1.31 13.56 -21.52
C CYS A 83 2.76 14.00 -21.21
N VAL A 84 3.54 13.21 -20.41
CA VAL A 84 4.77 13.54 -19.79
C VAL A 84 5.96 12.82 -20.38
N HIS A 85 5.85 11.53 -20.80
CA HIS A 85 7.05 10.81 -21.13
C HIS A 85 6.61 9.54 -21.79
N ARG A 86 7.31 9.07 -22.89
CA ARG A 86 6.97 7.85 -23.61
C ARG A 86 8.35 7.27 -23.77
N TYR A 87 8.48 5.93 -23.62
CA TYR A 87 9.76 5.30 -23.60
C TYR A 87 10.21 4.90 -25.04
N GLY A 88 9.46 5.41 -26.06
CA GLY A 88 9.48 5.05 -27.47
C GLY A 88 8.14 4.47 -27.76
N VAL A 89 7.70 4.32 -29.04
CA VAL A 89 6.35 3.90 -29.48
C VAL A 89 6.21 2.43 -29.12
N ASN A 90 4.99 2.01 -28.64
CA ASN A 90 4.60 0.70 -28.16
C ASN A 90 5.37 0.46 -26.87
N ALA A 91 5.34 1.43 -25.98
CA ALA A 91 6.13 1.30 -24.83
C ALA A 91 5.43 2.09 -23.79
N PHE A 92 5.92 2.12 -22.48
CA PHE A 92 5.22 2.73 -21.36
C PHE A 92 5.20 4.19 -21.62
N VAL A 93 4.12 4.84 -21.22
CA VAL A 93 3.82 6.27 -21.25
C VAL A 93 3.35 6.71 -19.85
N LEU A 94 3.82 7.92 -19.45
CA LEU A 94 3.37 8.60 -18.19
C LEU A 94 2.56 9.78 -18.62
N TYR A 95 1.50 10.06 -17.91
CA TYR A 95 0.64 11.21 -17.91
C TYR A 95 0.73 11.70 -16.58
N ARG A 96 0.82 13.02 -16.56
CA ARG A 96 0.90 13.87 -15.41
C ARG A 96 2.04 13.52 -14.42
N LEU A 97 2.21 14.32 -13.29
CA LEU A 97 3.25 14.07 -12.32
C LEU A 97 2.66 14.28 -10.96
N PRO A 98 3.14 13.72 -9.84
CA PRO A 98 2.95 14.26 -8.49
C PRO A 98 3.55 15.58 -8.26
N ILE A 99 2.80 16.46 -7.52
CA ILE A 99 3.07 17.81 -7.36
C ILE A 99 3.73 17.85 -5.95
N VAL A 100 5.05 18.00 -5.89
CA VAL A 100 5.70 18.12 -4.65
C VAL A 100 5.75 19.67 -4.30
N LYS A 101 5.92 19.94 -3.00
CA LYS A 101 5.61 21.12 -2.25
C LYS A 101 6.47 21.16 -1.06
N ASP A 102 6.81 22.41 -0.69
CA ASP A 102 7.73 22.65 0.34
C ASP A 102 7.02 22.70 1.61
N GLY A 103 7.67 21.96 2.56
CA GLY A 103 7.28 22.06 3.96
C GLY A 103 6.12 21.14 4.24
N MET A 104 5.86 20.19 3.29
CA MET A 104 4.63 19.40 3.32
C MET A 104 5.00 18.01 2.88
N VAL A 105 4.14 17.01 3.20
CA VAL A 105 4.40 15.64 3.01
C VAL A 105 3.36 15.25 1.96
N VAL A 106 3.76 14.91 0.75
CA VAL A 106 2.90 14.67 -0.40
C VAL A 106 2.78 13.18 -0.49
N GLY A 107 1.55 12.68 -0.28
CA GLY A 107 1.37 11.27 -0.31
C GLY A 107 1.09 10.74 -1.70
N ILE A 108 1.38 9.45 -1.85
CA ILE A 108 1.14 8.60 -3.01
C ILE A 108 0.58 7.30 -2.55
N VAL A 109 -0.55 6.91 -3.16
CA VAL A 109 -1.17 5.56 -3.05
C VAL A 109 -1.56 5.15 -4.52
N GLY A 110 -1.41 3.83 -4.82
CA GLY A 110 -1.78 3.31 -6.08
C GLY A 110 -0.86 2.18 -6.49
N PRO A 111 -1.36 1.06 -7.09
CA PRO A 111 -0.63 -0.16 -7.38
C PRO A 111 0.65 0.02 -8.23
N ASN A 112 1.58 -0.86 -8.00
CA ASN A 112 2.92 -0.91 -8.63
C ASN A 112 2.91 -0.91 -10.07
N GLY A 113 3.98 -0.38 -10.68
CA GLY A 113 4.16 -0.46 -12.14
C GLY A 113 3.35 0.54 -12.92
N THR A 114 2.86 1.55 -12.20
CA THR A 114 2.06 2.63 -12.80
C THR A 114 2.94 3.87 -12.96
N GLY A 115 4.31 3.68 -12.91
CA GLY A 115 5.36 4.72 -13.05
C GLY A 115 5.41 5.75 -11.96
N LYS A 116 5.25 5.23 -10.70
CA LYS A 116 5.64 5.88 -9.49
C LYS A 116 7.08 6.26 -9.56
N THR A 117 7.97 5.30 -9.80
CA THR A 117 9.38 5.35 -9.95
C THR A 117 9.92 6.06 -11.20
N THR A 118 9.11 6.12 -12.27
CA THR A 118 9.35 6.87 -13.48
C THR A 118 9.42 8.36 -13.26
N ALA A 119 8.46 8.82 -12.40
CA ALA A 119 8.37 10.20 -11.94
C ALA A 119 9.55 10.66 -11.09
N VAL A 120 10.10 9.70 -10.29
CA VAL A 120 11.27 9.99 -9.38
C VAL A 120 12.45 10.35 -10.14
N LYS A 121 12.77 9.57 -11.26
CA LYS A 121 13.90 9.81 -12.16
C LYS A 121 13.78 11.08 -12.91
N ILE A 122 12.55 11.45 -13.20
CA ILE A 122 12.12 12.67 -13.92
C ILE A 122 12.49 13.85 -13.10
N LEU A 123 12.07 13.83 -11.85
CA LEU A 123 12.40 14.82 -10.85
C LEU A 123 13.80 14.87 -10.40
N ALA A 124 14.67 13.91 -10.71
CA ALA A 124 15.99 13.74 -10.12
C ALA A 124 17.01 14.31 -11.02
N GLY A 125 16.57 14.79 -12.19
CA GLY A 125 17.43 15.51 -13.14
C GLY A 125 17.97 14.54 -14.12
N GLN A 126 17.78 13.27 -13.88
CA GLN A 126 18.37 12.13 -14.59
C GLN A 126 17.48 11.64 -15.73
N LEU A 127 16.38 12.32 -15.98
CA LEU A 127 15.52 12.00 -17.08
C LEU A 127 14.84 13.35 -17.34
N ILE A 128 14.90 13.87 -18.61
CA ILE A 128 14.21 14.96 -19.18
C ILE A 128 12.96 14.48 -19.74
N PRO A 129 11.82 15.04 -19.44
CA PRO A 129 10.54 14.78 -20.07
C PRO A 129 10.50 15.03 -21.55
N ASN A 130 9.92 14.19 -22.43
CA ASN A 130 9.78 14.45 -23.90
C ASN A 130 8.45 15.00 -24.16
N LEU A 131 7.55 14.97 -23.11
CA LEU A 131 6.15 15.37 -23.08
C LEU A 131 5.33 14.71 -24.11
N CYS A 132 5.71 13.44 -24.30
CA CYS A 132 5.24 12.59 -25.36
C CYS A 132 5.24 13.25 -26.72
N GLU A 133 6.43 13.80 -27.10
CA GLU A 133 6.72 14.51 -28.32
C GLU A 133 8.13 14.04 -28.76
N ASP A 134 9.23 14.79 -28.35
CA ASP A 134 10.59 14.58 -28.87
C ASP A 134 11.50 15.51 -28.06
N ASN A 135 11.03 16.24 -27.03
CA ASN A 135 11.76 17.24 -26.24
C ASN A 135 12.85 16.68 -25.33
N ASP A 136 13.85 17.57 -25.13
CA ASP A 136 15.05 17.22 -24.41
C ASP A 136 15.57 18.41 -23.72
N SER A 137 14.63 19.29 -23.48
CA SER A 137 14.83 20.48 -22.67
C SER A 137 13.86 20.70 -21.56
N TRP A 138 14.17 21.64 -20.64
CA TRP A 138 13.39 21.95 -19.48
C TRP A 138 12.29 22.90 -19.84
N ASP A 139 12.52 23.80 -20.80
CA ASP A 139 11.70 24.93 -21.07
C ASP A 139 10.27 24.68 -21.45
N ASN A 140 10.02 23.63 -22.30
CA ASN A 140 8.70 23.11 -22.75
C ASN A 140 8.06 22.50 -21.57
N VAL A 141 8.77 21.96 -20.54
CA VAL A 141 8.25 21.37 -19.34
C VAL A 141 7.71 22.47 -18.49
N ILE A 142 8.49 23.49 -18.24
CA ILE A 142 8.18 24.69 -17.51
C ILE A 142 6.99 25.41 -18.02
N ARG A 143 6.85 25.57 -19.37
CA ARG A 143 5.63 26.04 -20.01
C ARG A 143 4.45 25.20 -19.81
N ALA A 144 4.52 23.85 -20.02
CA ALA A 144 3.37 22.96 -20.02
C ALA A 144 2.61 22.93 -18.72
N PHE A 145 3.42 23.10 -17.66
CA PHE A 145 3.01 23.18 -16.24
C PHE A 145 2.84 24.52 -15.81
N ARG A 146 2.59 25.41 -16.74
CA ARG A 146 2.23 26.78 -16.46
C ARG A 146 0.74 26.79 -15.97
N GLY A 147 0.57 27.44 -14.79
CA GLY A 147 -0.63 27.43 -14.03
C GLY A 147 -0.61 26.51 -12.89
N ASN A 148 0.57 26.04 -12.54
CA ASN A 148 0.74 25.01 -11.56
C ASN A 148 2.06 25.18 -10.90
N GLU A 149 2.21 24.60 -9.66
CA GLU A 149 3.40 24.75 -8.83
C GLU A 149 4.67 24.00 -9.24
N LEU A 150 4.65 23.14 -10.25
CA LEU A 150 5.77 22.34 -10.65
C LEU A 150 6.66 23.03 -11.62
N GLN A 151 6.15 24.14 -12.28
CA GLN A 151 7.05 24.95 -13.12
C GLN A 151 8.29 25.38 -12.38
N ASN A 152 8.02 25.77 -11.06
CA ASN A 152 8.98 26.41 -10.16
C ASN A 152 9.99 25.30 -9.81
N TYR A 153 9.56 24.05 -9.59
CA TYR A 153 10.37 22.91 -9.38
C TYR A 153 11.35 22.66 -10.46
N PHE A 154 10.93 22.68 -11.75
CA PHE A 154 11.80 22.35 -12.88
C PHE A 154 12.85 23.47 -13.06
N GLU A 155 12.49 24.74 -12.66
CA GLU A 155 13.47 25.88 -12.76
C GLU A 155 14.62 25.74 -11.82
N ARG A 156 14.33 25.39 -10.55
CA ARG A 156 15.36 25.06 -9.56
C ARG A 156 16.14 23.84 -9.84
N LEU A 157 15.36 22.80 -10.35
CA LEU A 157 15.99 21.57 -10.68
C LEU A 157 17.04 21.76 -11.71
N LYS A 158 16.86 22.66 -12.69
CA LYS A 158 17.85 22.86 -13.73
C LYS A 158 19.01 23.70 -13.29
N ASN A 159 18.80 24.71 -12.45
CA ASN A 159 19.90 25.42 -11.84
C ASN A 159 20.71 24.49 -10.97
N GLY A 160 20.11 23.40 -10.45
CA GLY A 160 20.70 22.34 -9.75
C GLY A 160 21.06 22.71 -8.38
N GLU A 161 20.27 23.67 -7.75
CA GLU A 161 20.38 24.15 -6.38
C GLU A 161 19.48 23.28 -5.51
N ILE A 162 18.79 22.27 -6.01
CA ILE A 162 18.16 21.29 -5.20
C ILE A 162 18.54 19.98 -5.84
N ARG A 163 18.60 18.83 -5.12
CA ARG A 163 18.85 17.50 -5.71
C ARG A 163 18.05 16.78 -4.70
N PRO A 164 17.20 15.77 -5.12
CA PRO A 164 16.39 15.06 -4.17
C PRO A 164 17.19 13.79 -3.82
N VAL A 165 17.07 13.34 -2.55
CA VAL A 165 17.68 12.03 -2.23
C VAL A 165 16.54 11.16 -2.20
N VAL A 166 16.72 9.84 -2.61
CA VAL A 166 15.67 8.85 -2.86
C VAL A 166 16.07 7.60 -2.17
N LYS A 167 15.10 7.05 -1.32
CA LYS A 167 15.17 5.79 -0.65
C LYS A 167 14.53 4.85 -1.70
N PRO A 168 15.32 4.03 -2.38
CA PRO A 168 14.96 3.11 -3.50
C PRO A 168 13.84 2.11 -3.14
N GLN A 169 13.05 1.70 -4.20
CA GLN A 169 11.94 0.82 -4.12
C GLN A 169 12.28 -0.54 -3.64
N TYR A 170 13.54 -0.98 -3.91
CA TYR A 170 14.09 -2.21 -3.28
C TYR A 170 15.28 -1.75 -2.49
N VAL A 171 15.48 -2.30 -1.29
CA VAL A 171 16.64 -2.06 -0.50
C VAL A 171 17.12 -3.44 -0.34
N ASP A 172 18.25 -3.67 0.34
CA ASP A 172 19.05 -4.86 0.33
C ASP A 172 20.06 -4.75 -0.79
N LEU A 173 20.30 -3.46 -1.25
CA LEU A 173 21.33 -3.11 -2.27
C LEU A 173 22.47 -2.62 -1.50
N LEU A 174 22.31 -1.74 -0.55
CA LEU A 174 23.40 -1.21 0.33
C LEU A 174 24.25 -2.36 0.98
N PRO A 175 23.70 -3.48 1.64
CA PRO A 175 24.60 -4.54 2.08
C PRO A 175 25.53 -5.13 1.03
N LYS A 176 25.03 -5.42 -0.19
CA LYS A 176 25.91 -5.82 -1.28
C LYS A 176 26.39 -4.72 -2.18
N ALA A 177 26.86 -3.61 -1.59
CA ALA A 177 27.39 -2.63 -2.41
C ALA A 177 28.31 -1.70 -1.57
N VAL A 178 28.10 -1.80 -0.26
CA VAL A 178 28.66 -0.90 0.77
C VAL A 178 28.93 -1.90 1.86
N LYS A 179 30.23 -1.90 2.29
CA LYS A 179 30.69 -2.94 3.19
C LYS A 179 31.18 -2.18 4.43
N GLY A 180 31.40 -2.89 5.55
CA GLY A 180 31.51 -2.39 6.84
C GLY A 180 30.24 -2.00 7.50
N LYS A 181 30.36 -1.30 8.66
CA LYS A 181 29.31 -1.26 9.60
C LYS A 181 28.37 -0.11 9.35
N VAL A 182 27.21 -0.16 10.09
CA VAL A 182 26.08 0.77 10.22
C VAL A 182 26.71 1.87 11.05
N ARG A 183 27.64 1.63 12.00
CA ARG A 183 28.36 2.64 12.72
C ARG A 183 29.17 3.51 11.91
N GLU A 184 29.94 2.82 11.05
CA GLU A 184 30.82 3.51 10.13
C GLU A 184 30.11 4.41 9.19
N LEU A 185 29.11 3.78 8.41
CA LEU A 185 28.37 4.35 7.33
C LEU A 185 27.71 5.64 7.59
N LEU A 186 27.05 5.67 8.72
CA LEU A 186 26.38 6.78 9.25
C LEU A 186 27.25 7.98 9.69
N LYS A 187 28.59 7.72 10.03
CA LYS A 187 29.58 8.81 10.08
C LYS A 187 29.85 9.29 8.63
N LYS A 188 30.18 8.39 7.71
CA LYS A 188 30.55 8.75 6.37
C LYS A 188 29.57 9.63 5.66
N VAL A 189 28.30 9.17 5.47
CA VAL A 189 27.26 9.80 4.72
C VAL A 189 26.95 11.17 5.38
N ASP A 190 27.35 11.44 6.67
CA ASP A 190 26.94 12.63 7.49
C ASP A 190 27.37 13.92 6.81
N GLU A 191 26.44 14.88 6.74
CA GLU A 191 26.58 16.19 6.15
C GLU A 191 25.55 17.14 6.63
N VAL A 192 24.64 16.74 7.54
CA VAL A 192 23.44 17.52 7.88
C VAL A 192 23.63 18.00 9.29
N GLY A 193 24.47 17.31 10.10
CA GLY A 193 24.86 17.84 11.42
C GLY A 193 23.78 17.54 12.44
N LYS A 194 22.77 16.70 11.99
CA LYS A 194 21.72 16.22 12.73
C LYS A 194 21.84 14.73 13.11
N PHE A 195 23.10 14.19 13.06
CA PHE A 195 23.49 12.83 13.26
C PHE A 195 22.80 12.30 14.54
N GLU A 196 22.67 13.11 15.66
CA GLU A 196 22.38 12.71 17.03
C GLU A 196 20.92 12.39 17.10
N GLU A 197 20.15 13.37 16.70
CA GLU A 197 18.69 13.32 16.68
C GLU A 197 18.16 12.07 15.98
N VAL A 198 18.60 11.79 14.68
CA VAL A 198 18.24 10.74 13.74
C VAL A 198 18.42 9.36 14.36
N VAL A 199 19.72 9.03 14.70
CA VAL A 199 20.13 7.71 15.17
C VAL A 199 19.41 7.29 16.45
N LYS A 200 19.03 8.24 17.26
CA LYS A 200 18.31 8.13 18.53
C LYS A 200 16.82 7.96 18.37
N GLU A 201 16.11 8.85 17.57
CA GLU A 201 14.72 8.72 17.25
C GLU A 201 14.31 7.43 16.51
N LEU A 202 15.21 6.96 15.58
CA LEU A 202 15.00 5.74 14.88
C LEU A 202 15.65 4.59 15.61
N GLU A 203 16.20 4.73 16.80
CA GLU A 203 16.71 3.67 17.73
C GLU A 203 17.62 2.66 17.04
N LEU A 204 18.82 3.15 16.43
CA LEU A 204 19.74 2.35 15.77
C LEU A 204 20.99 2.34 16.64
N GLU A 205 20.97 2.75 17.99
CA GLU A 205 22.17 2.70 18.88
C GLU A 205 22.68 1.41 19.33
N ASN A 206 21.80 0.36 19.09
CA ASN A 206 22.18 -1.03 19.40
C ASN A 206 22.49 -1.62 18.07
N VAL A 207 22.04 -0.91 16.98
CA VAL A 207 22.09 -1.52 15.74
C VAL A 207 23.37 -1.15 14.99
N LEU A 208 24.16 -0.13 15.59
CA LEU A 208 25.48 0.21 15.10
C LEU A 208 26.50 -0.94 15.02
N ASP A 209 26.54 -1.88 16.04
CA ASP A 209 27.54 -2.91 16.20
C ASP A 209 27.55 -3.91 15.07
N ARG A 210 26.41 -4.29 14.58
CA ARG A 210 26.31 -5.19 13.47
C ARG A 210 26.69 -4.51 12.15
N GLU A 211 27.14 -5.34 11.18
CA GLU A 211 27.45 -5.09 9.81
C GLU A 211 26.12 -5.11 9.09
N LEU A 212 26.03 -4.43 7.96
CA LEU A 212 24.87 -4.35 7.16
C LEU A 212 24.17 -5.71 6.88
N HIS A 213 25.00 -6.76 6.46
CA HIS A 213 24.55 -8.09 6.04
C HIS A 213 23.99 -8.88 7.16
N GLN A 214 24.30 -8.49 8.39
CA GLN A 214 23.84 -9.20 9.60
C GLN A 214 22.54 -8.62 10.12
N LEU A 215 21.94 -7.59 9.38
CA LEU A 215 20.72 -6.91 9.85
C LEU A 215 19.58 -7.83 9.52
N SER A 216 18.45 -7.50 10.27
CA SER A 216 17.14 -8.15 10.04
C SER A 216 16.41 -7.07 9.23
N GLY A 217 15.17 -7.35 8.85
CA GLY A 217 14.45 -6.47 7.95
C GLY A 217 14.22 -5.05 8.41
N GLY A 218 13.56 -4.99 9.59
CA GLY A 218 13.19 -3.72 10.26
C GLY A 218 14.39 -2.81 10.37
N GLU A 219 15.53 -3.35 10.85
CA GLU A 219 16.75 -2.65 11.04
C GLU A 219 17.41 -2.12 9.76
N LEU A 220 17.62 -2.93 8.71
CA LEU A 220 18.09 -2.55 7.43
C LEU A 220 17.32 -1.43 6.77
N GLN A 221 15.98 -1.53 6.76
CA GLN A 221 15.09 -0.50 6.32
C GLN A 221 15.32 0.85 7.02
N ARG A 222 15.28 0.89 8.32
CA ARG A 222 15.43 2.05 9.13
C ARG A 222 16.78 2.71 8.91
N VAL A 223 17.88 1.95 8.76
CA VAL A 223 19.26 2.37 8.50
C VAL A 223 19.37 3.04 7.15
N ALA A 224 18.52 2.63 6.14
CA ALA A 224 18.43 3.34 4.92
C ALA A 224 17.75 4.68 5.21
N ILE A 225 16.61 4.70 6.04
CA ILE A 225 15.84 5.95 6.37
C ILE A 225 16.88 6.93 6.94
N ALA A 226 17.76 6.51 7.85
CA ALA A 226 18.76 7.27 8.44
C ALA A 226 19.74 7.84 7.46
N ALA A 227 20.46 7.00 6.68
CA ALA A 227 21.46 7.37 5.70
C ALA A 227 20.92 8.28 4.61
N ALA A 228 19.59 8.33 4.27
CA ALA A 228 18.97 9.23 3.32
C ALA A 228 18.88 10.62 3.91
N LEU A 229 18.52 10.71 5.20
CA LEU A 229 18.41 12.02 5.82
C LEU A 229 19.76 12.64 6.13
N LEU A 230 20.87 11.76 6.28
CA LEU A 230 22.15 12.32 6.53
C LEU A 230 22.85 12.77 5.30
N ARG A 231 22.46 12.34 4.17
CA ARG A 231 22.79 13.00 2.95
C ARG A 231 22.03 14.33 2.94
N LYS A 232 22.69 15.39 2.37
CA LYS A 232 22.15 16.74 2.36
C LYS A 232 21.29 16.93 1.18
N ALA A 233 19.98 17.25 1.40
CA ALA A 233 19.03 17.37 0.45
C ALA A 233 17.86 17.91 1.12
N HIS A 234 17.09 18.75 0.38
CA HIS A 234 15.89 19.35 0.82
C HIS A 234 14.68 18.38 0.61
N PHE A 235 14.72 17.67 -0.50
CA PHE A 235 13.65 16.87 -1.05
C PHE A 235 14.11 15.45 -0.76
N TYR A 236 13.20 14.67 -0.08
CA TYR A 236 13.44 13.30 0.30
C TYR A 236 12.28 12.52 -0.21
N PHE A 237 12.57 11.47 -1.06
CA PHE A 237 11.55 10.71 -1.71
C PHE A 237 11.73 9.29 -1.21
N PHE A 238 10.75 8.78 -0.37
CA PHE A 238 10.72 7.46 0.16
C PHE A 238 9.71 6.63 -0.61
N ASP A 239 10.24 5.61 -1.33
CA ASP A 239 9.44 4.60 -2.09
C ASP A 239 9.35 3.33 -1.26
N GLU A 240 8.13 3.08 -0.71
CA GLU A 240 7.87 1.88 0.10
C GLU A 240 8.70 1.65 1.37
N PRO A 241 8.76 2.50 2.31
CA PRO A 241 9.46 2.29 3.59
C PRO A 241 8.80 1.31 4.57
N SER A 242 7.54 0.88 4.24
CA SER A 242 6.72 -0.03 4.99
C SER A 242 7.25 -1.42 4.86
N SER A 243 8.15 -1.73 3.96
CA SER A 243 8.74 -3.07 3.81
C SER A 243 9.35 -3.54 5.07
N TYR A 244 8.97 -4.73 5.51
CA TYR A 244 9.51 -5.43 6.73
C TYR A 244 9.54 -4.75 8.09
N LEU A 245 8.97 -3.47 8.30
CA LEU A 245 8.89 -2.83 9.57
C LEU A 245 7.72 -3.53 10.29
N ASP A 246 7.80 -3.62 11.60
CA ASP A 246 6.71 -4.20 12.33
C ASP A 246 5.81 -3.04 12.61
N ILE A 247 4.57 -3.40 13.15
CA ILE A 247 3.53 -2.51 13.69
C ILE A 247 4.07 -1.46 14.62
N ARG A 248 4.98 -1.83 15.59
CA ARG A 248 5.47 -0.81 16.53
C ARG A 248 6.36 0.14 15.71
N GLN A 249 7.34 -0.43 14.95
CA GLN A 249 8.26 0.38 14.12
C GLN A 249 7.63 1.34 13.15
N ARG A 250 6.69 0.92 12.28
CA ARG A 250 6.05 1.68 11.27
C ARG A 250 5.28 2.92 11.82
N LEU A 251 4.64 2.81 13.02
CA LEU A 251 4.05 3.95 13.68
C LEU A 251 5.03 4.99 14.18
N LYS A 252 6.16 4.49 14.70
CA LYS A 252 7.29 5.30 15.24
C LYS A 252 8.06 5.96 14.13
N VAL A 253 8.27 5.32 12.93
CA VAL A 253 8.97 5.85 11.77
C VAL A 253 8.18 6.90 11.10
N ALA A 254 6.91 6.74 11.12
CA ALA A 254 5.90 7.74 10.66
C ALA A 254 6.06 9.10 11.41
N ARG A 255 6.26 9.07 12.74
CA ARG A 255 6.44 10.22 13.60
C ARG A 255 7.71 10.92 13.16
N VAL A 256 8.80 10.18 12.86
CA VAL A 256 10.14 10.61 12.46
C VAL A 256 10.06 11.31 11.17
N ILE A 257 9.34 10.72 10.22
CA ILE A 257 9.20 11.33 8.87
C ILE A 257 8.35 12.58 9.01
N ARG A 258 7.15 12.57 9.70
CA ARG A 258 6.36 13.73 9.98
C ARG A 258 7.05 14.90 10.59
N ARG A 259 8.06 14.68 11.48
CA ARG A 259 8.81 15.78 12.10
C ARG A 259 9.61 16.57 11.11
N LEU A 260 9.85 16.07 9.90
CA LEU A 260 10.54 16.74 8.82
C LEU A 260 9.73 17.95 8.37
N ALA A 261 8.35 17.91 8.42
CA ALA A 261 7.51 18.96 7.86
C ALA A 261 7.64 20.27 8.56
N ASN A 262 7.72 20.15 9.87
CA ASN A 262 8.04 21.15 10.91
C ASN A 262 9.44 21.80 10.56
N GLU A 263 10.54 21.00 10.36
CA GLU A 263 11.79 21.56 9.82
C GLU A 263 11.76 22.23 8.46
N GLY A 264 10.60 22.15 7.83
CA GLY A 264 10.28 22.83 6.60
C GLY A 264 10.79 22.11 5.37
N LYS A 265 11.19 20.86 5.44
CA LYS A 265 11.67 20.03 4.37
C LYS A 265 10.63 19.26 3.68
N ALA A 266 10.82 19.06 2.35
CA ALA A 266 9.80 18.46 1.52
C ALA A 266 9.90 16.99 1.45
N VAL A 267 8.85 16.24 1.87
CA VAL A 267 8.81 14.77 1.91
C VAL A 267 7.84 14.38 0.84
N LEU A 268 8.19 13.29 0.09
CA LEU A 268 7.32 12.74 -0.90
C LEU A 268 7.37 11.23 -0.48
N VAL A 269 6.17 10.59 -0.37
CA VAL A 269 6.06 9.25 0.25
C VAL A 269 5.13 8.46 -0.44
N VAL A 270 5.56 7.19 -0.66
CA VAL A 270 4.72 6.11 -1.05
C VAL A 270 4.50 5.27 0.22
N GLU A 271 3.11 4.98 0.44
CA GLU A 271 2.73 4.11 1.50
C GLU A 271 1.55 3.35 0.95
N HIS A 272 1.40 2.14 1.47
CA HIS A 272 0.39 1.23 1.02
C HIS A 272 -0.55 0.85 2.16
N ASP A 273 -0.45 1.48 3.35
CA ASP A 273 -1.16 1.12 4.57
C ASP A 273 -1.71 2.48 4.86
N LEU A 274 -3.08 2.61 4.70
CA LEU A 274 -3.95 3.69 4.93
C LEU A 274 -3.80 4.36 6.25
N ALA A 275 -3.66 3.68 7.44
CA ALA A 275 -3.40 4.26 8.75
C ALA A 275 -2.11 5.02 8.85
N VAL A 276 -1.00 4.44 8.20
CA VAL A 276 0.29 5.08 8.20
C VAL A 276 0.27 6.27 7.27
N LEU A 277 -0.44 6.20 6.13
CA LEU A 277 -0.60 7.20 5.10
C LEU A 277 -1.35 8.44 5.67
N ASP A 278 -2.44 8.21 6.42
CA ASP A 278 -3.30 9.22 6.94
C ASP A 278 -2.46 10.13 7.76
N TYR A 279 -1.69 9.43 8.66
CA TYR A 279 -0.86 10.01 9.68
C TYR A 279 0.28 10.94 9.24
N LEU A 280 1.08 10.42 8.24
CA LEU A 280 2.16 11.20 7.60
C LEU A 280 1.53 12.36 6.85
N SER A 281 0.74 12.10 5.82
CA SER A 281 0.62 13.04 4.65
C SER A 281 -0.26 14.21 4.90
N ASP A 282 -0.24 15.22 3.98
CA ASP A 282 -0.93 16.46 4.11
C ASP A 282 -1.61 16.72 2.74
N VAL A 283 -1.00 16.08 1.67
CA VAL A 283 -1.57 16.03 0.27
C VAL A 283 -1.54 14.54 -0.10
N ILE A 284 -2.32 14.19 -1.08
CA ILE A 284 -2.35 12.83 -1.44
C ILE A 284 -2.68 12.82 -2.92
N HIS A 285 -2.04 11.83 -3.62
CA HIS A 285 -2.21 11.61 -5.02
C HIS A 285 -2.74 10.27 -5.14
N VAL A 286 -3.70 10.01 -6.09
CA VAL A 286 -4.11 8.68 -6.54
C VAL A 286 -3.53 8.46 -7.96
N VAL A 287 -3.06 7.23 -8.15
CA VAL A 287 -2.47 6.92 -9.43
C VAL A 287 -3.25 5.78 -10.03
N TYR A 288 -3.80 5.99 -11.27
CA TYR A 288 -4.69 5.02 -11.88
C TYR A 288 -4.26 4.64 -13.29
N GLY A 289 -4.70 3.45 -13.69
CA GLY A 289 -4.26 2.75 -14.95
C GLY A 289 -3.99 1.32 -14.65
N GLU A 290 -3.68 0.54 -15.72
CA GLU A 290 -3.36 -0.85 -15.57
C GLU A 290 -1.91 -0.85 -15.74
N PRO A 291 -1.18 -1.50 -14.91
CA PRO A 291 0.31 -1.46 -14.93
C PRO A 291 0.97 -1.76 -16.25
N GLY A 292 1.96 -1.01 -16.63
CA GLY A 292 2.77 -1.35 -17.74
C GLY A 292 2.09 -0.92 -19.08
N VAL A 293 0.98 -0.26 -19.07
CA VAL A 293 0.39 0.28 -20.29
C VAL A 293 0.41 1.78 -20.18
N TYR A 294 -0.14 2.34 -19.11
CA TYR A 294 -0.10 3.75 -18.79
C TYR A 294 -0.27 4.00 -17.28
N GLY A 295 0.14 5.16 -16.85
CA GLY A 295 -0.21 5.59 -15.49
C GLY A 295 -0.50 7.01 -15.59
N ILE A 296 -1.53 7.47 -14.77
CA ILE A 296 -1.87 8.84 -14.76
C ILE A 296 -1.95 9.25 -13.35
N PHE A 297 -1.27 10.36 -12.92
CA PHE A 297 -1.50 10.85 -11.59
C PHE A 297 -2.74 11.86 -11.66
N SER A 298 -3.70 11.68 -10.70
CA SER A 298 -4.81 12.54 -10.43
C SER A 298 -4.34 13.90 -9.85
N LYS A 299 -5.26 14.78 -9.49
CA LYS A 299 -5.06 16.12 -8.99
C LYS A 299 -4.67 15.98 -7.51
N PRO A 300 -4.00 16.90 -6.86
CA PRO A 300 -3.62 16.78 -5.46
C PRO A 300 -4.91 16.81 -4.62
N LYS A 301 -5.02 16.02 -3.48
CA LYS A 301 -6.25 16.09 -2.66
C LYS A 301 -5.86 16.24 -1.22
N GLY A 302 -6.78 16.65 -0.34
CA GLY A 302 -6.53 16.65 1.05
C GLY A 302 -6.68 15.25 1.52
N THR A 303 -5.62 14.76 2.34
CA THR A 303 -5.40 13.30 2.62
C THR A 303 -6.61 12.45 2.77
N ARG A 304 -7.50 12.88 3.64
CA ARG A 304 -8.74 12.24 3.98
C ARG A 304 -9.65 12.02 2.82
N ASN A 305 -10.11 13.05 2.15
CA ASN A 305 -10.86 12.91 0.87
C ASN A 305 -10.14 12.04 -0.21
N GLY A 306 -8.86 12.32 -0.57
CA GLY A 306 -8.13 11.55 -1.44
C GLY A 306 -8.22 9.99 -1.21
N ILE A 307 -8.08 9.56 0.09
CA ILE A 307 -8.14 8.14 0.55
C ILE A 307 -9.56 7.73 0.34
N ASN A 308 -10.60 8.52 0.53
CA ASN A 308 -11.95 8.04 0.53
C ASN A 308 -12.34 7.58 -0.86
N GLU A 309 -11.99 8.50 -1.76
CA GLU A 309 -12.09 8.42 -3.15
C GLU A 309 -11.35 7.31 -3.75
N PHE A 310 -10.16 6.87 -3.23
CA PHE A 310 -9.43 5.74 -3.70
C PHE A 310 -10.27 4.48 -3.49
N LEU A 311 -10.82 4.35 -2.25
CA LEU A 311 -11.69 3.24 -1.81
C LEU A 311 -12.97 3.04 -2.60
N GLN A 312 -13.57 4.15 -2.98
CA GLN A 312 -14.77 4.16 -3.80
C GLN A 312 -14.63 3.70 -5.26
N GLY A 313 -13.37 3.95 -5.77
CA GLY A 313 -12.93 3.54 -7.06
C GLY A 313 -13.38 4.53 -8.07
N TYR A 314 -13.99 5.71 -7.58
CA TYR A 314 -14.58 6.67 -8.42
C TYR A 314 -14.05 7.96 -7.83
N LEU A 315 -13.64 8.78 -8.89
CA LEU A 315 -13.03 10.07 -8.82
C LEU A 315 -14.10 11.00 -9.19
N LYS A 316 -14.36 12.05 -8.37
CA LYS A 316 -15.49 12.95 -8.56
C LYS A 316 -15.03 14.29 -8.99
N ASP A 317 -13.67 14.38 -8.93
CA ASP A 317 -12.83 15.56 -9.35
C ASP A 317 -12.41 15.33 -10.80
N GLU A 318 -12.33 14.05 -11.24
CA GLU A 318 -11.65 13.75 -12.48
C GLU A 318 -12.64 13.02 -13.33
N ASN A 319 -13.68 12.41 -12.75
CA ASN A 319 -14.77 11.68 -13.31
C ASN A 319 -14.19 10.42 -13.84
N VAL A 320 -13.37 9.57 -13.09
CA VAL A 320 -12.73 8.33 -13.58
C VAL A 320 -13.08 7.17 -12.63
N ARG A 321 -13.64 6.03 -13.14
CA ARG A 321 -13.73 4.79 -12.44
C ARG A 321 -12.48 4.10 -12.82
N PHE A 322 -11.83 3.31 -11.91
CA PHE A 322 -10.58 2.59 -12.14
C PHE A 322 -10.54 1.36 -11.39
N ARG A 323 -11.71 0.87 -10.94
CA ARG A 323 -11.77 -0.45 -10.29
C ARG A 323 -13.28 -0.73 -10.17
N PRO A 324 -13.97 -1.80 -10.51
CA PRO A 324 -15.39 -1.76 -10.88
C PRO A 324 -16.20 -2.12 -9.68
N TYR A 325 -15.50 -2.40 -8.58
CA TYR A 325 -16.02 -2.70 -7.27
C TYR A 325 -15.17 -1.92 -6.24
N GLU A 326 -15.70 -1.87 -4.97
CA GLU A 326 -15.23 -1.00 -3.85
C GLU A 326 -14.31 -1.89 -3.04
N ILE A 327 -13.28 -1.18 -2.43
CA ILE A 327 -12.47 -1.69 -1.30
C ILE A 327 -13.34 -1.83 -0.06
N ARG A 328 -13.29 -3.01 0.60
CA ARG A 328 -14.12 -3.28 1.68
C ARG A 328 -13.31 -4.08 2.69
N PHE A 329 -13.98 -4.18 3.86
CA PHE A 329 -13.35 -4.72 5.13
C PHE A 329 -14.43 -5.50 5.88
N THR A 330 -13.99 -6.25 6.88
CA THR A 330 -14.73 -7.26 7.63
C THR A 330 -14.67 -6.81 9.03
N LYS A 331 -15.78 -6.67 9.78
CA LYS A 331 -15.73 -6.31 11.18
C LYS A 331 -15.48 -7.62 11.94
N LEU A 332 -16.49 -8.11 12.67
CA LEU A 332 -16.49 -9.21 13.53
C LEU A 332 -17.94 -9.53 13.69
N SER A 333 -18.85 -8.72 13.06
CA SER A 333 -20.27 -8.95 13.23
C SER A 333 -20.89 -9.37 11.92
N GLU A 334 -20.07 -9.28 10.85
CA GLU A 334 -20.13 -9.71 9.51
C GLU A 334 -19.45 -11.09 9.34
N ARG A 335 -19.54 -11.94 10.43
CA ARG A 335 -18.92 -13.24 10.34
C ARG A 335 -19.83 -14.11 11.17
N VAL A 336 -19.56 -15.41 11.15
CA VAL A 336 -19.95 -16.36 12.09
C VAL A 336 -18.68 -16.72 12.79
N ASP A 337 -18.60 -16.49 14.12
CA ASP A 337 -17.34 -16.70 14.83
C ASP A 337 -17.28 -17.99 15.61
N VAL A 338 -18.29 -18.86 15.37
CA VAL A 338 -18.58 -20.08 16.12
C VAL A 338 -17.35 -20.96 16.32
N GLU A 339 -17.25 -21.62 17.52
CA GLU A 339 -16.19 -22.55 17.82
C GLU A 339 -16.18 -23.69 16.83
N ARG A 340 -14.89 -24.15 16.60
CA ARG A 340 -14.59 -25.28 15.72
C ARG A 340 -13.68 -26.22 16.51
N GLU A 341 -13.66 -27.52 16.14
CA GLU A 341 -12.73 -28.61 16.38
C GLU A 341 -11.27 -28.23 16.48
N THR A 342 -10.53 -28.74 17.52
CA THR A 342 -9.09 -28.54 17.90
C THR A 342 -8.34 -29.43 17.01
N LEU A 343 -7.25 -28.93 16.29
CA LEU A 343 -6.48 -29.62 15.28
C LEU A 343 -5.48 -30.25 16.08
N VAL A 344 -4.75 -29.42 16.91
CA VAL A 344 -3.66 -29.92 17.70
C VAL A 344 -3.59 -28.90 18.90
N GLU A 345 -2.78 -29.16 19.92
CA GLU A 345 -2.53 -28.31 21.07
C GLU A 345 -1.08 -28.46 21.33
N TYR A 346 -0.42 -27.43 21.93
CA TYR A 346 1.04 -27.46 22.12
C TYR A 346 1.31 -27.18 23.60
N PRO A 347 2.13 -27.82 24.39
CA PRO A 347 2.39 -27.35 25.76
C PRO A 347 3.32 -26.15 25.69
N ARG A 348 3.76 -25.75 26.95
CA ARG A 348 4.78 -24.75 27.16
C ARG A 348 6.05 -25.11 26.50
N LEU A 349 6.59 -24.17 25.64
CA LEU A 349 7.92 -24.43 25.04
C LEU A 349 8.71 -23.29 25.49
N VAL A 350 10.04 -23.45 25.45
CA VAL A 350 10.90 -22.41 25.78
C VAL A 350 12.09 -22.76 24.98
N LYS A 351 12.56 -21.81 24.13
CA LYS A 351 13.73 -21.89 23.31
C LYS A 351 14.71 -20.80 23.68
N ASP A 352 15.96 -21.14 24.06
CA ASP A 352 16.96 -20.13 24.29
C ASP A 352 18.14 -20.52 23.42
N TYR A 353 18.40 -19.66 22.40
CA TYR A 353 19.66 -19.77 21.64
C TYR A 353 20.79 -19.41 22.43
N GLY A 354 20.59 -18.41 23.34
CA GLY A 354 21.67 -17.80 24.12
C GLY A 354 22.08 -16.47 23.56
N SER A 355 21.26 -15.87 22.72
CA SER A 355 21.29 -14.57 22.07
C SER A 355 19.88 -14.11 21.75
N PHE A 356 18.87 -14.93 22.05
CA PHE A 356 17.55 -14.45 22.36
C PHE A 356 16.91 -15.61 23.16
N LYS A 357 15.94 -15.28 24.09
CA LYS A 357 15.11 -16.21 24.84
C LYS A 357 13.62 -16.00 24.47
N LEU A 358 12.87 -17.12 24.21
CA LEU A 358 11.52 -17.22 24.01
C LEU A 358 10.90 -18.22 24.95
N GLU A 359 9.69 -17.89 25.47
CA GLU A 359 8.84 -18.81 26.27
C GLU A 359 7.54 -18.72 25.50
N VAL A 360 6.90 -19.89 25.22
CA VAL A 360 5.66 -19.93 24.50
C VAL A 360 4.73 -20.49 25.52
N GLU A 361 3.60 -19.78 25.89
CA GLU A 361 2.64 -20.32 26.85
C GLU A 361 1.81 -21.43 26.17
N PRO A 362 1.21 -22.42 26.91
CA PRO A 362 0.32 -23.44 26.42
C PRO A 362 -0.81 -22.93 25.53
N GLY A 363 -1.13 -23.61 24.38
CA GLY A 363 -2.05 -23.06 23.46
C GLY A 363 -2.64 -24.12 22.62
N GLU A 364 -3.78 -23.73 22.01
CA GLU A 364 -4.69 -24.60 21.24
C GLU A 364 -4.51 -24.06 19.88
N ILE A 365 -4.53 -24.97 18.85
CA ILE A 365 -4.62 -24.62 17.42
C ILE A 365 -5.88 -25.22 17.08
N ARG A 366 -6.85 -24.52 16.46
CA ARG A 366 -8.06 -24.89 15.81
C ARG A 366 -7.90 -24.89 14.34
N LYS A 367 -8.67 -25.78 13.73
CA LYS A 367 -8.79 -26.10 12.30
C LYS A 367 -9.75 -25.19 11.65
N GLY A 368 -9.53 -24.63 10.42
CA GLY A 368 -10.51 -23.84 9.76
C GLY A 368 -10.48 -22.32 10.00
N GLU A 369 -9.41 -21.84 10.68
CA GLU A 369 -9.28 -20.52 11.12
C GLU A 369 -7.94 -19.98 10.63
N VAL A 370 -7.79 -18.60 10.81
CA VAL A 370 -6.66 -17.86 10.30
C VAL A 370 -6.27 -16.97 11.43
N ILE A 371 -5.02 -17.32 11.84
CA ILE A 371 -4.46 -16.76 13.00
C ILE A 371 -3.42 -15.79 12.51
N GLY A 372 -3.48 -14.56 13.02
CA GLY A 372 -2.54 -13.47 12.73
C GLY A 372 -1.57 -13.41 13.83
N ILE A 373 -0.33 -13.19 13.52
CA ILE A 373 0.73 -13.13 14.58
C ILE A 373 1.10 -11.73 14.65
N VAL A 374 1.23 -11.17 15.84
CA VAL A 374 1.56 -9.72 15.92
C VAL A 374 2.60 -9.50 17.01
N GLY A 375 3.44 -8.48 16.80
CA GLY A 375 4.34 -8.02 17.83
C GLY A 375 5.47 -7.35 17.19
N PRO A 376 6.38 -6.71 17.95
CA PRO A 376 7.64 -6.15 17.33
C PRO A 376 8.74 -7.12 16.99
N ASN A 377 9.47 -6.83 15.93
CA ASN A 377 10.51 -7.67 15.35
C ASN A 377 11.54 -8.00 16.35
N GLY A 378 11.98 -9.22 16.25
CA GLY A 378 12.98 -9.91 17.15
C GLY A 378 12.45 -10.37 18.42
N ILE A 379 11.09 -10.37 18.54
CA ILE A 379 10.36 -10.84 19.74
C ILE A 379 10.07 -12.33 19.62
N GLY A 380 10.71 -12.99 18.61
CA GLY A 380 10.56 -14.44 18.44
C GLY A 380 9.21 -14.92 17.93
N LYS A 381 8.56 -14.18 17.09
CA LYS A 381 7.46 -14.53 16.30
C LYS A 381 7.82 -15.65 15.38
N THR A 382 9.00 -15.35 14.70
CA THR A 382 9.84 -16.12 13.86
C THR A 382 10.43 -17.30 14.58
N THR A 383 11.01 -17.14 15.83
CA THR A 383 11.51 -18.29 16.58
C THR A 383 10.42 -19.34 16.76
N PHE A 384 9.18 -18.95 17.21
CA PHE A 384 8.00 -19.88 17.29
C PHE A 384 7.71 -20.55 15.93
N VAL A 385 7.53 -19.78 14.88
CA VAL A 385 7.15 -20.22 13.54
C VAL A 385 8.08 -21.27 12.96
N LYS A 386 9.43 -21.03 13.09
CA LYS A 386 10.50 -21.91 12.82
C LYS A 386 10.58 -23.14 13.64
N MET A 387 9.97 -23.22 14.82
CA MET A 387 10.03 -24.46 15.63
C MET A 387 9.09 -25.44 15.09
N LEU A 388 7.90 -25.03 14.60
CA LEU A 388 6.91 -25.86 13.94
C LEU A 388 7.42 -26.11 12.57
N ALA A 389 8.30 -25.29 11.99
CA ALA A 389 8.65 -25.42 10.58
C ALA A 389 9.65 -26.42 10.28
N GLY A 390 10.46 -26.76 11.26
CA GLY A 390 11.45 -27.86 11.26
C GLY A 390 12.86 -27.47 11.01
N VAL A 391 13.15 -26.15 11.16
CA VAL A 391 14.47 -25.66 10.84
C VAL A 391 15.25 -25.35 12.08
N GLU A 392 14.46 -25.52 13.18
CA GLU A 392 14.85 -25.21 14.50
C GLU A 392 14.10 -26.28 15.25
N GLU A 393 14.73 -26.93 16.33
CA GLU A 393 14.21 -28.05 17.07
C GLU A 393 13.95 -27.38 18.37
N PRO A 394 12.77 -27.51 18.99
CA PRO A 394 12.51 -26.90 20.28
C PRO A 394 13.53 -27.38 21.30
N THR A 395 13.97 -26.52 22.29
CA THR A 395 14.89 -26.97 23.34
C THR A 395 14.16 -27.88 24.30
N GLU A 396 12.91 -27.51 24.63
CA GLU A 396 11.97 -28.18 25.44
C GLU A 396 10.58 -28.04 24.82
N GLY A 397 9.73 -29.05 25.04
CA GLY A 397 8.37 -29.04 24.47
C GLY A 397 8.32 -29.69 23.12
N LYS A 398 7.08 -29.71 22.53
CA LYS A 398 6.85 -30.36 21.33
C LYS A 398 5.87 -29.61 20.57
N VAL A 399 6.26 -29.41 19.28
CA VAL A 399 5.32 -28.75 18.35
C VAL A 399 5.52 -29.54 17.11
N GLU A 400 6.62 -30.35 17.05
CA GLU A 400 6.94 -30.96 15.81
C GLU A 400 6.26 -32.28 15.79
N TRP A 401 5.16 -32.31 15.03
CA TRP A 401 4.21 -33.38 15.05
C TRP A 401 4.08 -33.79 13.62
N ASP A 402 3.03 -34.52 13.27
CA ASP A 402 2.70 -35.19 11.99
C ASP A 402 1.78 -34.29 11.19
N LEU A 403 1.75 -33.01 11.57
CA LEU A 403 1.35 -31.97 10.67
C LEU A 403 2.54 -31.64 9.74
N THR A 404 2.17 -31.50 8.46
CA THR A 404 3.07 -30.97 7.44
C THR A 404 2.92 -29.48 7.32
N VAL A 405 4.10 -28.81 7.22
CA VAL A 405 4.17 -27.40 7.37
C VAL A 405 4.73 -26.96 6.11
N ALA A 406 4.10 -25.85 5.69
CA ALA A 406 4.40 -25.11 4.45
C ALA A 406 4.90 -23.74 4.79
N TYR A 407 6.17 -23.48 4.40
CA TYR A 407 6.92 -22.42 5.05
C TYR A 407 7.40 -21.33 4.06
N LYS A 408 6.87 -20.09 4.19
CA LYS A 408 7.31 -18.95 3.41
C LYS A 408 8.28 -18.13 4.20
N PRO A 409 9.56 -18.19 3.98
CA PRO A 409 10.67 -17.52 4.80
C PRO A 409 10.59 -15.96 4.74
N GLN A 410 11.25 -15.28 5.62
CA GLN A 410 11.21 -13.88 5.85
C GLN A 410 11.84 -13.06 4.69
N TYR A 411 13.04 -13.53 4.20
CA TYR A 411 13.65 -12.91 3.04
C TYR A 411 13.17 -13.70 1.87
N ILE A 412 13.39 -13.04 0.71
CA ILE A 412 13.25 -13.74 -0.54
C ILE A 412 14.41 -13.54 -1.39
N LYS A 413 14.88 -14.72 -1.76
CA LYS A 413 16.03 -14.90 -2.61
C LYS A 413 15.68 -16.15 -3.43
N ALA A 414 16.12 -16.20 -4.64
CA ALA A 414 15.80 -17.27 -5.56
C ALA A 414 17.02 -18.12 -5.69
N GLU A 415 16.93 -19.47 -6.02
CA GLU A 415 18.01 -20.40 -6.20
C GLU A 415 17.61 -21.49 -7.21
N TYR A 416 16.54 -21.18 -7.89
CA TYR A 416 15.80 -22.01 -8.75
C TYR A 416 16.11 -21.72 -10.18
N GLU A 417 16.64 -22.76 -10.83
CA GLU A 417 16.84 -22.71 -12.31
C GLU A 417 15.59 -23.26 -12.96
N GLY A 418 15.08 -22.54 -13.94
CA GLY A 418 13.76 -22.76 -14.51
C GLY A 418 12.69 -21.78 -14.15
N THR A 419 11.59 -21.91 -14.85
CA THR A 419 10.61 -20.93 -14.92
C THR A 419 9.72 -20.89 -13.68
N VAL A 420 8.81 -19.88 -13.54
CA VAL A 420 7.74 -19.79 -12.54
C VAL A 420 6.94 -21.05 -12.68
N TYR A 421 6.50 -21.49 -13.92
CA TYR A 421 5.74 -22.75 -14.09
C TYR A 421 6.38 -24.01 -13.69
N GLU A 422 7.71 -24.23 -13.80
CA GLU A 422 8.44 -25.39 -13.34
C GLU A 422 8.29 -25.48 -11.80
N LEU A 423 8.62 -24.32 -11.15
CA LEU A 423 8.70 -24.21 -9.72
C LEU A 423 7.39 -24.61 -9.06
N LEU A 424 6.29 -24.06 -9.53
CA LEU A 424 5.00 -24.41 -9.00
C LEU A 424 4.49 -25.77 -9.31
N SER A 425 4.65 -26.16 -10.65
CA SER A 425 4.22 -27.42 -11.18
C SER A 425 4.57 -28.75 -10.56
N LYS A 426 5.78 -28.88 -10.03
CA LYS A 426 6.26 -29.99 -9.31
C LYS A 426 5.69 -30.11 -7.92
N ILE A 427 4.91 -29.10 -7.46
CA ILE A 427 4.39 -29.16 -6.11
C ILE A 427 3.04 -29.86 -6.17
N ASP A 428 2.28 -29.50 -7.17
CA ASP A 428 0.93 -29.94 -7.23
C ASP A 428 0.51 -29.24 -8.53
N SER A 429 0.68 -29.97 -9.64
CA SER A 429 0.21 -29.72 -10.97
C SER A 429 -1.28 -29.50 -10.92
N SER A 430 -1.94 -30.36 -10.09
CA SER A 430 -3.38 -30.59 -10.01
C SER A 430 -4.11 -29.29 -9.66
N LYS A 431 -3.61 -28.59 -8.58
CA LYS A 431 -4.10 -27.36 -8.04
C LYS A 431 -4.11 -26.18 -9.00
N LEU A 432 -3.01 -26.16 -9.77
CA LEU A 432 -2.77 -25.14 -10.80
C LEU A 432 -3.94 -25.15 -11.80
N ASN A 433 -4.51 -26.32 -12.06
CA ASN A 433 -5.38 -26.51 -13.21
C ASN A 433 -6.80 -26.38 -12.73
N SER A 434 -7.04 -26.28 -11.36
CA SER A 434 -8.42 -26.22 -10.84
C SER A 434 -8.87 -24.76 -10.76
N ASN A 435 -10.21 -24.46 -10.86
CA ASN A 435 -10.82 -23.16 -11.08
C ASN A 435 -10.75 -22.25 -9.91
N PHE A 436 -10.66 -22.83 -8.69
CA PHE A 436 -10.63 -22.10 -7.47
C PHE A 436 -9.36 -21.36 -7.27
N TYR A 437 -8.21 -22.09 -7.50
CA TYR A 437 -6.89 -21.56 -7.28
C TYR A 437 -6.68 -20.54 -8.38
N LYS A 438 -7.37 -20.72 -9.54
CA LYS A 438 -7.35 -19.77 -10.61
C LYS A 438 -8.14 -18.50 -10.34
N THR A 439 -9.27 -18.58 -9.56
CA THR A 439 -10.09 -17.40 -9.32
C THR A 439 -9.44 -16.59 -8.22
N GLU A 440 -8.81 -17.30 -7.21
CA GLU A 440 -8.49 -16.75 -5.92
C GLU A 440 -7.06 -16.45 -5.79
N LEU A 441 -6.13 -17.10 -6.57
CA LEU A 441 -4.75 -16.99 -6.17
C LEU A 441 -3.95 -16.52 -7.37
N LEU A 442 -3.89 -17.53 -8.30
CA LEU A 442 -3.10 -17.29 -9.49
C LEU A 442 -3.39 -16.13 -10.37
N LYS A 443 -4.64 -16.00 -10.79
CA LYS A 443 -5.07 -14.96 -11.76
C LYS A 443 -4.97 -13.55 -11.17
N PRO A 444 -5.26 -13.18 -9.90
CA PRO A 444 -5.30 -11.79 -9.55
C PRO A 444 -3.95 -11.25 -9.06
N LEU A 445 -2.96 -12.15 -9.00
CA LEU A 445 -1.61 -11.91 -8.50
C LEU A 445 -0.72 -12.08 -9.67
N GLY A 446 -1.19 -12.21 -10.89
CA GLY A 446 -0.49 -12.05 -12.08
C GLY A 446 0.35 -13.11 -12.63
N ILE A 447 0.12 -14.33 -12.26
CA ILE A 447 1.08 -15.42 -12.33
C ILE A 447 0.90 -16.15 -13.59
N ILE A 448 -0.20 -15.89 -14.26
CA ILE A 448 -0.53 -16.53 -15.45
C ILE A 448 0.35 -15.87 -16.47
N ASP A 449 0.42 -14.56 -16.42
CA ASP A 449 1.35 -13.78 -17.20
C ASP A 449 2.84 -13.85 -16.89
N LEU A 450 3.27 -14.76 -15.96
CA LEU A 450 4.59 -14.77 -15.44
C LEU A 450 5.31 -16.03 -15.67
N TYR A 451 4.62 -17.09 -16.12
CA TYR A 451 5.08 -18.41 -16.41
C TYR A 451 6.26 -18.42 -17.39
N ASP A 452 6.36 -17.44 -18.33
CA ASP A 452 7.43 -17.30 -19.36
C ASP A 452 8.78 -16.91 -18.87
N ARG A 453 9.00 -16.30 -17.67
CA ARG A 453 10.31 -15.84 -17.19
C ARG A 453 10.79 -16.75 -16.14
N ASN A 454 12.12 -16.79 -15.87
CA ASN A 454 12.71 -17.64 -14.92
C ASN A 454 12.45 -16.97 -13.53
N VAL A 455 12.52 -17.75 -12.47
CA VAL A 455 12.41 -17.32 -11.08
C VAL A 455 13.47 -16.29 -10.73
N GLU A 456 14.71 -16.55 -11.17
CA GLU A 456 15.82 -15.61 -10.96
C GLU A 456 15.62 -14.27 -11.69
N ASP A 457 14.81 -14.31 -12.81
CA ASP A 457 14.41 -13.23 -13.77
C ASP A 457 13.12 -12.55 -13.45
N LEU A 458 12.66 -12.71 -12.17
CA LEU A 458 11.57 -12.04 -11.63
C LEU A 458 12.09 -11.06 -10.63
N SER A 459 11.32 -9.94 -10.45
CA SER A 459 11.69 -8.85 -9.65
C SER A 459 10.96 -9.04 -8.31
N GLY A 460 11.37 -8.30 -7.21
CA GLY A 460 10.87 -8.41 -5.88
C GLY A 460 9.41 -8.51 -5.67
N GLY A 461 8.59 -7.58 -6.25
CA GLY A 461 7.11 -7.65 -5.99
C GLY A 461 6.48 -8.83 -6.69
N GLU A 462 6.94 -9.22 -7.96
CA GLU A 462 6.35 -10.35 -8.73
C GLU A 462 6.68 -11.63 -7.99
N LEU A 463 7.99 -11.87 -7.74
CA LEU A 463 8.67 -12.93 -6.97
C LEU A 463 8.04 -13.13 -5.52
N GLN A 464 7.66 -12.04 -4.83
CA GLN A 464 6.98 -12.13 -3.58
C GLN A 464 5.64 -12.87 -3.71
N ARG A 465 4.87 -12.43 -4.73
CA ARG A 465 3.56 -12.98 -5.07
C ARG A 465 3.71 -14.41 -5.43
N VAL A 466 4.85 -14.81 -6.13
CA VAL A 466 5.22 -16.10 -6.59
C VAL A 466 5.57 -16.96 -5.39
N ALA A 467 6.28 -16.46 -4.33
CA ALA A 467 6.66 -17.22 -3.12
C ALA A 467 5.43 -17.66 -2.31
N ILE A 468 4.54 -16.58 -2.12
CA ILE A 468 3.27 -16.69 -1.44
C ILE A 468 2.39 -17.72 -2.00
N ALA A 469 2.22 -17.70 -3.33
CA ALA A 469 1.40 -18.62 -4.08
C ALA A 469 1.98 -20.00 -4.01
N ALA A 470 3.36 -20.08 -4.02
CA ALA A 470 4.01 -21.32 -3.86
C ALA A 470 3.78 -22.06 -2.56
N THR A 471 3.99 -21.36 -1.48
CA THR A 471 3.73 -21.83 -0.12
C THR A 471 2.22 -22.33 -0.03
N LEU A 472 1.28 -21.51 -0.47
CA LEU A 472 -0.11 -22.06 -0.40
C LEU A 472 -0.52 -23.16 -1.40
N LEU A 473 0.33 -23.45 -2.41
CA LEU A 473 0.08 -24.60 -3.25
C LEU A 473 0.79 -25.77 -2.79
N ARG A 474 1.55 -25.66 -1.67
CA ARG A 474 2.13 -26.91 -1.04
C ARG A 474 1.05 -27.69 -0.40
N ASP A 475 1.16 -29.04 -0.41
CA ASP A 475 0.25 -29.93 0.25
C ASP A 475 0.57 -30.02 1.70
N ALA A 476 -0.17 -29.33 2.59
CA ALA A 476 0.12 -29.26 4.01
C ALA A 476 -1.17 -29.21 4.75
N ASP A 477 -1.12 -29.67 5.99
CA ASP A 477 -2.01 -29.52 7.11
C ASP A 477 -2.06 -28.11 7.57
N ILE A 478 -0.90 -27.38 7.71
CA ILE A 478 -0.83 -26.11 8.37
C ILE A 478 0.13 -25.19 7.55
N TYR A 479 -0.21 -23.93 7.39
CA TYR A 479 0.51 -23.09 6.41
C TYR A 479 1.16 -22.02 7.37
N LEU A 480 2.49 -21.77 7.13
CA LEU A 480 3.36 -20.84 7.83
C LEU A 480 3.91 -19.90 6.80
N LEU A 481 3.50 -18.64 6.97
CA LEU A 481 4.01 -17.48 6.18
C LEU A 481 4.58 -16.52 7.19
N ASP A 482 5.89 -16.33 7.08
CA ASP A 482 6.59 -15.29 7.77
C ASP A 482 6.75 -14.12 6.94
N GLU A 483 5.88 -13.08 7.24
CA GLU A 483 5.96 -11.74 6.77
C GLU A 483 5.84 -11.61 5.29
N PRO A 484 4.57 -11.82 4.70
CA PRO A 484 4.45 -11.80 3.24
C PRO A 484 4.22 -10.49 2.79
N SER A 485 3.97 -9.56 3.80
CA SER A 485 3.56 -8.19 3.58
C SER A 485 4.54 -7.40 2.75
N ALA A 486 5.83 -7.74 2.91
CA ALA A 486 6.93 -7.02 2.30
C ALA A 486 6.82 -6.99 0.76
N TYR A 487 7.15 -5.80 0.26
CA TYR A 487 6.99 -5.43 -1.08
C TYR A 487 5.71 -5.83 -1.82
N LEU A 488 4.61 -5.55 -1.18
CA LEU A 488 3.23 -5.64 -1.73
C LEU A 488 2.69 -4.32 -1.62
N ASP A 489 1.82 -3.94 -2.60
CA ASP A 489 1.07 -2.72 -2.66
C ASP A 489 -0.35 -3.01 -2.13
N VAL A 490 -1.14 -1.89 -2.05
CA VAL A 490 -2.43 -1.85 -1.45
C VAL A 490 -3.37 -2.79 -1.97
N GLU A 491 -3.54 -2.85 -3.30
CA GLU A 491 -4.39 -3.78 -4.09
C GLU A 491 -3.81 -5.16 -3.97
N GLN A 492 -2.44 -5.29 -3.94
CA GLN A 492 -1.93 -6.63 -3.87
C GLN A 492 -2.15 -7.27 -2.54
N ARG A 493 -2.08 -6.39 -1.53
CA ARG A 493 -2.11 -6.70 -0.10
C ARG A 493 -3.48 -7.24 0.21
N LEU A 494 -4.46 -6.54 -0.28
CA LEU A 494 -5.86 -6.94 -0.24
C LEU A 494 -6.28 -8.22 -0.95
N ALA A 495 -5.73 -8.40 -2.23
CA ALA A 495 -5.86 -9.65 -2.98
C ALA A 495 -5.33 -10.90 -2.33
N VAL A 496 -4.17 -10.75 -1.67
CA VAL A 496 -3.61 -11.79 -0.89
C VAL A 496 -4.48 -12.04 0.34
N SER A 497 -5.18 -11.01 0.84
CA SER A 497 -6.01 -11.21 1.97
C SER A 497 -7.22 -12.09 1.70
N ARG A 498 -7.97 -11.80 0.57
CA ARG A 498 -9.15 -12.46 0.08
C ARG A 498 -8.84 -13.89 -0.30
N ALA A 499 -7.62 -14.21 -0.87
CA ALA A 499 -7.07 -15.48 -1.23
C ALA A 499 -6.76 -16.30 -0.01
N ILE A 500 -6.01 -15.82 1.00
CA ILE A 500 -5.82 -16.51 2.19
C ILE A 500 -7.09 -16.87 2.86
N ARG A 501 -8.09 -15.92 2.90
CA ARG A 501 -9.28 -16.06 3.67
C ARG A 501 -10.11 -17.13 3.06
N HIS A 502 -10.37 -17.07 1.69
CA HIS A 502 -11.20 -18.03 1.01
C HIS A 502 -10.61 -19.42 1.08
N LEU A 503 -9.33 -19.62 0.73
CA LEU A 503 -8.73 -20.94 0.53
C LEU A 503 -8.74 -21.75 1.86
N MET A 504 -8.36 -21.09 3.01
CA MET A 504 -8.33 -21.59 4.38
C MET A 504 -9.67 -21.91 4.92
N GLU A 505 -10.66 -21.10 4.74
CA GLU A 505 -12.04 -21.34 5.12
C GLU A 505 -12.72 -22.47 4.39
N LYS A 506 -12.59 -22.54 3.03
CA LYS A 506 -13.13 -23.61 2.19
C LYS A 506 -12.57 -25.01 2.56
N ASN A 507 -11.23 -25.23 2.52
CA ASN A 507 -10.76 -26.54 2.95
C ASN A 507 -10.54 -26.80 4.45
N GLU A 508 -10.95 -25.78 5.30
CA GLU A 508 -10.91 -25.89 6.75
C GLU A 508 -9.46 -26.22 7.14
N LYS A 509 -8.51 -25.32 6.86
CA LYS A 509 -7.13 -25.59 7.24
C LYS A 509 -6.64 -24.32 7.96
N THR A 510 -5.47 -24.46 8.62
CA THR A 510 -4.89 -23.49 9.60
C THR A 510 -3.87 -22.81 8.82
N ALA A 511 -3.64 -21.53 9.09
CA ALA A 511 -2.59 -20.87 8.50
C ALA A 511 -2.25 -19.88 9.60
N LEU A 512 -1.02 -19.45 9.60
CA LEU A 512 -0.41 -18.51 10.48
C LEU A 512 0.16 -17.54 9.50
N VAL A 513 -0.18 -16.23 9.69
CA VAL A 513 0.31 -15.20 8.85
C VAL A 513 0.82 -14.25 9.79
N VAL A 514 2.20 -14.03 9.69
CA VAL A 514 2.82 -13.12 10.66
C VAL A 514 2.60 -11.80 9.95
N GLU A 515 2.16 -10.78 10.74
CA GLU A 515 1.44 -9.66 10.18
C GLU A 515 1.68 -8.45 10.99
N HIS A 516 1.52 -7.30 10.26
CA HIS A 516 2.06 -6.04 10.83
C HIS A 516 1.38 -4.96 10.07
N ASP A 517 0.78 -5.26 8.90
CA ASP A 517 0.03 -4.39 8.13
C ASP A 517 -1.36 -4.50 8.65
N VAL A 518 -1.90 -3.35 9.13
CA VAL A 518 -3.18 -3.19 9.80
C VAL A 518 -4.35 -3.79 9.02
N LEU A 519 -4.46 -3.66 7.66
CA LEU A 519 -5.61 -3.94 6.84
C LEU A 519 -5.81 -5.35 6.65
N MET A 520 -4.72 -6.15 6.58
CA MET A 520 -4.73 -7.60 6.26
C MET A 520 -5.26 -8.24 7.50
N ILE A 521 -4.75 -7.83 8.69
CA ILE A 521 -5.17 -8.24 10.00
C ILE A 521 -6.61 -7.94 10.14
N ASP A 522 -7.07 -6.78 9.72
CA ASP A 522 -8.46 -6.31 9.91
C ASP A 522 -9.48 -7.20 9.12
N TYR A 523 -9.09 -7.56 7.86
CA TYR A 523 -9.88 -8.54 7.11
C TYR A 523 -9.82 -10.00 7.53
N VAL A 524 -8.59 -10.55 7.67
CA VAL A 524 -8.38 -12.02 7.69
C VAL A 524 -8.52 -12.64 9.08
N SER A 525 -8.37 -11.84 10.15
CA SER A 525 -7.98 -12.54 11.40
C SER A 525 -9.25 -12.97 12.13
N ASP A 526 -9.12 -14.22 12.69
CA ASP A 526 -10.15 -14.98 13.38
C ASP A 526 -9.60 -15.04 14.71
N ARG A 527 -8.29 -15.19 14.84
CA ARG A 527 -7.64 -15.22 16.16
C ARG A 527 -6.26 -14.64 16.02
N LEU A 528 -5.58 -14.35 17.19
CA LEU A 528 -4.43 -13.46 17.24
C LEU A 528 -3.47 -14.09 18.21
N ILE A 529 -2.16 -13.84 18.05
CA ILE A 529 -1.17 -14.21 19.07
C ILE A 529 -0.43 -12.90 19.19
N VAL A 530 -0.49 -12.29 20.42
CA VAL A 530 0.14 -11.00 20.78
C VAL A 530 1.40 -11.57 21.50
N PHE A 531 2.47 -10.82 21.15
CA PHE A 531 3.77 -11.03 21.68
C PHE A 531 4.09 -9.81 22.47
N GLU A 532 4.74 -10.07 23.63
CA GLU A 532 5.31 -9.09 24.55
C GLU A 532 6.63 -9.52 25.13
N GLY A 533 7.20 -8.57 25.98
CA GLY A 533 8.53 -8.69 26.67
C GLY A 533 9.14 -7.47 26.18
N GLU A 534 10.48 -7.44 26.04
CA GLU A 534 11.38 -6.39 25.68
C GLU A 534 12.06 -6.99 24.45
N PRO A 535 11.87 -6.62 23.13
CA PRO A 535 12.61 -7.22 22.06
C PRO A 535 14.13 -7.23 22.10
N GLY A 536 14.73 -8.24 21.50
CA GLY A 536 16.13 -8.46 21.40
C GLY A 536 16.75 -9.11 22.66
N ARG A 537 15.85 -9.54 23.59
CA ARG A 537 16.16 -9.96 24.93
C ARG A 537 15.34 -11.15 25.32
N HIS A 538 14.04 -10.84 25.50
CA HIS A 538 13.13 -11.86 25.91
C HIS A 538 11.86 -11.58 25.21
N GLY A 539 11.10 -12.69 24.89
CA GLY A 539 9.74 -12.56 24.45
C GLY A 539 9.02 -13.67 25.12
N ARG A 540 7.72 -13.39 25.27
CA ARG A 540 6.74 -14.16 25.97
C ARG A 540 5.65 -14.12 24.97
N ALA A 541 5.33 -15.26 24.35
CA ALA A 541 4.21 -15.53 23.55
C ALA A 541 3.04 -15.91 24.44
N LEU A 542 1.94 -15.15 24.40
CA LEU A 542 0.76 -15.28 25.21
C LEU A 542 -0.14 -16.16 24.35
N PRO A 543 -0.99 -17.01 24.87
CA PRO A 543 -1.75 -18.05 24.21
C PRO A 543 -2.61 -17.41 23.08
N PRO A 544 -3.10 -18.11 22.02
CA PRO A 544 -4.13 -17.50 21.09
C PRO A 544 -5.36 -16.97 21.70
N MET A 545 -5.82 -15.81 21.17
CA MET A 545 -6.96 -15.18 21.75
C MET A 545 -7.72 -14.53 20.62
N GLY A 546 -9.04 -14.18 20.83
CA GLY A 546 -9.92 -13.55 19.87
C GLY A 546 -9.28 -12.34 19.16
N MET A 547 -9.69 -12.05 17.88
CA MET A 547 -9.14 -10.90 17.12
C MET A 547 -9.22 -9.54 17.81
N ARG A 548 -10.42 -9.29 18.36
CA ARG A 548 -10.70 -7.98 19.03
C ARG A 548 -9.87 -7.91 20.26
N GLU A 549 -9.93 -8.95 21.20
CA GLU A 549 -9.32 -9.04 22.51
C GLU A 549 -7.85 -8.94 22.36
N GLY A 550 -7.28 -9.48 21.26
CA GLY A 550 -5.87 -9.32 20.87
C GLY A 550 -5.46 -7.98 20.43
N MET A 551 -6.12 -7.37 19.37
CA MET A 551 -5.72 -6.05 18.96
C MET A 551 -5.90 -5.06 20.12
N ASN A 552 -6.87 -5.34 21.06
CA ASN A 552 -7.07 -4.43 22.27
C ASN A 552 -5.86 -4.45 23.19
N ARG A 553 -5.39 -5.73 23.38
CA ARG A 553 -4.41 -6.05 24.36
C ARG A 553 -3.09 -5.44 24.03
N PHE A 554 -2.79 -5.54 22.75
CA PHE A 554 -1.57 -5.13 22.10
C PHE A 554 -1.52 -3.67 21.87
N LEU A 555 -2.61 -3.03 21.41
CA LEU A 555 -2.67 -1.62 21.04
C LEU A 555 -2.40 -0.84 22.24
N ALA A 556 -2.80 -1.39 23.43
CA ALA A 556 -2.53 -0.57 24.64
C ALA A 556 -1.01 -0.35 25.00
N SER A 557 -0.08 -1.13 24.41
CA SER A 557 1.37 -1.12 24.66
C SER A 557 2.01 -0.27 23.60
N VAL A 558 1.21 0.35 22.68
CA VAL A 558 1.74 1.12 21.54
C VAL A 558 1.19 2.59 21.76
N GLY A 559 0.20 2.76 22.67
CA GLY A 559 -0.32 4.05 22.93
C GLY A 559 -1.26 4.53 21.90
N ILE A 560 -1.64 3.71 20.96
CA ILE A 560 -2.20 4.23 19.74
C ILE A 560 -3.43 3.43 19.64
N THR A 561 -4.53 4.16 19.51
CA THR A 561 -5.95 3.70 19.48
C THR A 561 -6.45 3.84 18.04
N PHE A 562 -7.50 3.01 17.66
CA PHE A 562 -8.00 2.87 16.34
C PHE A 562 -9.42 2.93 16.46
N ARG A 563 -10.01 3.71 15.51
CA ARG A 563 -11.42 3.94 15.35
C ARG A 563 -11.76 3.23 14.04
N ARG A 564 -13.00 3.57 13.51
CA ARG A 564 -13.66 3.10 12.31
C ARG A 564 -14.10 4.36 11.62
N ASP A 565 -13.61 4.76 10.42
CA ASP A 565 -13.80 6.02 9.74
C ASP A 565 -15.28 6.09 9.33
N PRO A 566 -15.92 7.25 9.16
CA PRO A 566 -17.35 7.27 9.10
C PRO A 566 -17.61 7.56 7.54
N ASP A 567 -16.57 7.90 6.73
CA ASP A 567 -16.81 8.33 5.37
C ASP A 567 -17.14 7.12 4.46
N SER A 568 -16.30 6.07 4.51
CA SER A 568 -16.63 5.00 3.65
C SER A 568 -16.14 3.66 4.30
N GLY A 569 -15.52 3.74 5.50
CA GLY A 569 -15.25 2.51 6.23
C GLY A 569 -13.81 2.05 5.91
N ARG A 570 -12.92 2.31 6.90
CA ARG A 570 -11.56 1.87 6.82
C ARG A 570 -11.03 1.93 8.23
N PRO A 571 -9.83 1.38 8.61
CA PRO A 571 -9.28 1.55 9.94
C PRO A 571 -8.77 2.97 10.05
N ARG A 572 -9.25 3.76 11.01
CA ARG A 572 -8.86 5.10 11.23
C ARG A 572 -7.93 4.99 12.40
N ALA A 573 -6.70 5.50 12.18
CA ALA A 573 -5.73 5.62 13.30
C ALA A 573 -6.05 6.91 13.89
N ASN A 574 -6.03 7.04 15.21
CA ASN A 574 -6.19 8.29 15.93
C ASN A 574 -4.86 8.82 16.44
N LYS A 575 -4.64 10.14 16.17
CA LYS A 575 -3.42 10.88 16.57
C LYS A 575 -3.19 10.71 18.02
N GLU A 576 -1.94 10.47 18.45
CA GLU A 576 -1.62 10.35 19.91
C GLU A 576 -1.75 11.78 20.45
N GLY A 577 -2.78 11.88 21.33
CA GLY A 577 -3.26 13.10 21.88
C GLY A 577 -4.40 13.61 20.99
N SER A 578 -5.66 13.06 21.25
CA SER A 578 -6.83 13.46 20.51
C SER A 578 -7.94 13.01 21.44
N VAL A 579 -9.22 13.33 20.98
CA VAL A 579 -10.48 13.08 21.70
C VAL A 579 -10.79 11.63 21.82
N LYS A 580 -10.73 10.99 20.67
CA LYS A 580 -10.92 9.61 20.45
C LYS A 580 -9.75 8.76 21.13
N ASP A 581 -8.48 9.26 21.00
CA ASP A 581 -7.33 8.67 21.63
C ASP A 581 -7.52 8.56 23.10
N ARG A 582 -8.04 9.63 23.75
CA ARG A 582 -8.27 9.87 25.18
C ARG A 582 -9.51 8.98 25.56
N GLU A 583 -10.62 9.05 24.83
CA GLU A 583 -11.83 8.26 25.15
C GLU A 583 -11.56 6.75 25.14
N GLN A 584 -10.90 6.23 24.08
CA GLN A 584 -10.55 4.81 24.03
C GLN A 584 -9.65 4.33 25.17
N LYS A 585 -8.61 5.10 25.48
CA LYS A 585 -7.62 4.67 26.40
C LYS A 585 -8.14 4.68 27.83
N ALA A 586 -8.96 5.69 28.18
CA ALA A 586 -9.69 5.78 29.45
C ALA A 586 -10.66 4.65 29.72
N ARG A 587 -11.28 4.01 28.64
CA ARG A 587 -12.39 3.11 28.72
C ARG A 587 -11.95 1.65 28.43
N GLY A 588 -10.64 1.37 28.30
CA GLY A 588 -9.99 0.10 28.31
C GLY A 588 -10.34 -0.64 27.03
N GLU A 589 -10.84 0.08 26.00
CA GLU A 589 -11.19 -0.59 24.76
C GLU A 589 -10.42 0.26 23.86
N TYR A 590 -9.46 -0.37 23.23
CA TYR A 590 -8.38 0.32 22.55
C TYR A 590 -8.44 0.00 21.06
N TYR A 591 -9.61 -0.33 20.57
CA TYR A 591 -9.61 -0.87 19.22
C TYR A 591 -11.08 -1.09 18.89
N TYR A 592 -11.39 -0.93 17.61
CA TYR A 592 -12.65 -1.29 17.07
C TYR A 592 -12.28 -1.82 15.63
N ALA A 593 -13.10 -2.83 15.19
CA ALA A 593 -12.88 -3.55 13.91
C ALA A 593 -13.30 -2.53 12.80
FE1 SF4 B . -24.07 20.57 -25.69
FE2 SF4 B . -21.67 18.66 -25.11
FE3 SF4 B . -23.98 18.88 -23.07
FE4 SF4 B . -22.04 21.25 -23.52
S1 SF4 B . -21.81 19.15 -22.99
S2 SF4 B . -24.21 20.97 -23.55
S3 SF4 B . -21.91 20.76 -25.65
S4 SF4 B . -23.84 18.45 -25.20
FE1 SF4 C . -30.99 20.59 -16.61
FE2 SF4 C . -33.75 21.85 -17.22
FE3 SF4 C . -31.84 23.28 -15.27
FE4 SF4 C . -33.20 20.62 -14.48
S1 SF4 C . -33.89 22.57 -15.19
S2 SF4 C . -31.14 21.33 -14.58
S3 SF4 C . -33.06 19.90 -16.52
S4 SF4 C . -31.69 22.54 -17.31
#